data_5ESM
#
_entry.id   5ESM
#
_cell.length_a   79.370
_cell.length_b   67.640
_cell.length_c   81.040
_cell.angle_alpha   90.00
_cell.angle_beta   99.77
_cell.angle_gamma   90.00
#
_symmetry.space_group_name_H-M   'P 1 21 1'
#
loop_
_entity.id
_entity.type
_entity.pdbx_description
1 polymer 'Lanosterol 14-alpha demethylase'
2 non-polymer 'PROTOPORPHYRIN IX CONTAINING FE'
3 non-polymer 2-(2,4-DIFLUOROPHENYL)-1,3-DI(1H-1,2,4-TRIAZOL-1-YL)PROPAN-2-OL
4 water water
#
_entity_poly.entity_id   1
_entity_poly.type   'polypeptide(L)'
_entity_poly.pdbx_seq_one_letter_code
;MSATKSIVGEALEYVNIGLSHFLALPLAQRISLIIIIPFIYNIVWQLLYSLRKDRPPLVFYWIPWVGSAVVYGMKPYEFF
EECQKKYGDIFSFVLLGRVMTVYLGPKGHEFVFNAKLADVSAEAAYAHLTTPVFGKGVIYDCPNSRLMEQKKFVKGALTK
EAFKSYVPLIAEEVYKYFRDSKNFRLNERTTGTIDVMVTQPEMTIFTASRSLLGKEMRAKLDTDFAYLYSDLDKGFTPIN
FVFPNLPLEHYRKRDHAQKAISGTYMSLIKERRKNNDIQDRDLIDSLMKNSTYKDGVKMTDQEIANLLIGVLMGGQHTSA
AISAWILLHLAERPDVQQELYEEQMRVLDGGKKELTYDLLQEMPLLNQTIKETLRMHHPLHSLFRKVMKDMHVPNTSYVI
PAGYHVLVSPGYTHLRDEYFPNAHQFNIHRWNNDSASSYSVGEEVDYGFGAISKGVSSPYLPFGGGRHRCIGEHFAYCQL
GVLMSIFIRTLKWHYPEGKTVPPPDFTSMVTLPTGPAKIIWEKRNPEQKIGGRHHHHHH
;
_entity_poly.pdbx_strand_id   A
#
loop_
_chem_comp.id
_chem_comp.type
_chem_comp.name
_chem_comp.formula
HEM non-polymer 'PROTOPORPHYRIN IX CONTAINING FE' 'C34 H32 Fe N4 O4'
TPF non-polymer 2-(2,4-DIFLUOROPHENYL)-1,3-DI(1H-1,2,4-TRIAZOL-1-YL)PROPAN-2-OL 'C13 H12 F2 N6 O'
#
# COMPACT_ATOMS: atom_id res chain seq x y z
N ILE A 7 25.32 4.63 -62.43
CA ILE A 7 24.91 3.35 -61.89
C ILE A 7 25.12 3.30 -60.37
N VAL A 8 24.12 2.77 -59.65
CA VAL A 8 24.21 2.62 -58.20
C VAL A 8 24.32 1.14 -57.84
N GLY A 9 24.42 0.30 -58.88
CA GLY A 9 24.66 -1.12 -58.67
C GLY A 9 25.98 -1.30 -57.96
N GLU A 10 26.94 -0.45 -58.30
CA GLU A 10 28.24 -0.42 -57.64
C GLU A 10 28.09 -0.02 -56.17
N ALA A 11 27.12 0.85 -55.90
CA ALA A 11 26.84 1.27 -54.53
C ALA A 11 26.19 0.13 -53.75
N LEU A 12 25.34 -0.63 -54.43
CA LEU A 12 24.71 -1.81 -53.82
C LEU A 12 25.76 -2.86 -53.45
N GLU A 13 26.81 -2.95 -54.26
CA GLU A 13 27.91 -3.86 -53.97
C GLU A 13 28.63 -3.44 -52.68
N TYR A 14 28.70 -2.13 -52.43
CA TYR A 14 29.47 -1.65 -51.30
C TYR A 14 28.73 -1.76 -49.98
N VAL A 15 27.40 -1.81 -50.04
CA VAL A 15 26.62 -2.16 -48.85
C VAL A 15 27.02 -3.56 -48.40
N ASN A 16 27.04 -4.49 -49.35
CA ASN A 16 27.45 -5.86 -49.08
C ASN A 16 28.88 -5.94 -48.56
N ILE A 17 29.79 -5.23 -49.24
CA ILE A 17 31.18 -5.15 -48.81
C ILE A 17 31.30 -4.56 -47.41
N GLY A 18 30.61 -3.44 -47.19
CA GLY A 18 30.62 -2.76 -45.91
C GLY A 18 30.13 -3.66 -44.80
N LEU A 19 29.08 -4.42 -45.09
CA LEU A 19 28.56 -5.41 -44.15
C LEU A 19 29.61 -6.46 -43.79
N SER A 20 30.35 -6.92 -44.78
CA SER A 20 31.36 -7.95 -44.54
C SER A 20 32.49 -7.39 -43.68
N HIS A 21 32.85 -6.14 -43.91
CA HIS A 21 33.88 -5.49 -43.11
C HIS A 21 33.41 -5.23 -41.69
N PHE A 22 32.12 -4.96 -41.53
CA PHE A 22 31.55 -4.79 -40.20
C PHE A 22 31.71 -6.05 -39.36
N LEU A 23 31.36 -7.19 -39.95
CA LEU A 23 31.40 -8.46 -39.24
C LEU A 23 32.83 -8.90 -38.94
N ALA A 24 33.80 -8.26 -39.59
CA ALA A 24 35.21 -8.60 -39.41
C ALA A 24 35.96 -7.56 -38.57
N LEU A 25 35.23 -6.62 -37.99
CA LEU A 25 35.84 -5.66 -37.07
C LEU A 25 36.34 -6.38 -35.83
N PRO A 26 37.40 -5.84 -35.19
CA PRO A 26 37.86 -6.40 -33.91
C PRO A 26 36.76 -6.36 -32.87
N LEU A 27 36.70 -7.36 -32.00
CA LEU A 27 35.62 -7.47 -31.02
C LEU A 27 35.65 -6.31 -30.01
N ALA A 28 36.71 -5.52 -30.04
CA ALA A 28 36.78 -4.30 -29.26
C ALA A 28 35.82 -3.27 -29.82
N GLN A 29 35.90 -3.04 -31.12
CA GLN A 29 35.04 -2.07 -31.79
C GLN A 29 33.62 -2.63 -31.95
N ARG A 30 33.52 -3.94 -32.05
CA ARG A 30 32.23 -4.59 -32.29
C ARG A 30 31.27 -4.37 -31.14
N ILE A 31 31.67 -4.77 -29.94
CA ILE A 31 30.83 -4.60 -28.75
C ILE A 31 30.64 -3.10 -28.48
N SER A 32 31.68 -2.32 -28.77
CA SER A 32 31.59 -0.86 -28.70
C SER A 32 30.42 -0.36 -29.54
N LEU A 33 30.24 -0.98 -30.71
CA LEU A 33 29.11 -0.64 -31.57
C LEU A 33 27.82 -1.26 -31.05
N ILE A 34 27.93 -2.42 -30.40
CA ILE A 34 26.78 -3.06 -29.78
C ILE A 34 26.21 -2.19 -28.67
N ILE A 35 27.10 -1.40 -28.05
CA ILE A 35 26.70 -0.50 -26.97
C ILE A 35 26.27 0.87 -27.50
N ILE A 36 26.93 1.34 -28.57
CA ILE A 36 26.68 2.70 -29.05
C ILE A 36 25.55 2.79 -30.06
N ILE A 37 25.26 1.68 -30.76
CA ILE A 37 24.20 1.70 -31.76
C ILE A 37 22.78 1.80 -31.15
N PRO A 38 22.55 1.21 -29.95
CA PRO A 38 21.19 1.44 -29.46
C PRO A 38 21.07 2.79 -28.75
N PHE A 39 22.19 3.27 -28.24
CA PHE A 39 22.24 4.57 -27.58
C PHE A 39 21.84 5.68 -28.55
N ILE A 40 22.37 5.62 -29.77
CA ILE A 40 22.08 6.62 -30.78
C ILE A 40 20.64 6.49 -31.28
N TYR A 41 20.22 5.26 -31.56
CA TYR A 41 18.86 5.02 -32.04
C TYR A 41 17.82 5.49 -31.03
N ASN A 42 18.07 5.19 -29.75
CA ASN A 42 17.18 5.61 -28.68
C ASN A 42 17.04 7.13 -28.61
N ILE A 43 18.16 7.83 -28.76
CA ILE A 43 18.16 9.29 -28.77
C ILE A 43 17.40 9.83 -29.98
N VAL A 44 17.68 9.26 -31.15
CA VAL A 44 17.01 9.66 -32.38
C VAL A 44 15.50 9.45 -32.30
N TRP A 45 15.11 8.30 -31.77
CA TRP A 45 13.70 7.93 -31.67
C TRP A 45 12.90 8.89 -30.80
N GLN A 46 13.52 9.39 -29.74
CA GLN A 46 12.86 10.33 -28.84
C GLN A 46 12.57 11.66 -29.52
N LEU A 47 13.55 12.16 -30.27
CA LEU A 47 13.37 13.41 -31.00
C LEU A 47 12.24 13.30 -32.01
N LEU A 48 12.13 12.14 -32.63
CA LEU A 48 11.03 11.88 -33.56
C LEU A 48 9.70 11.82 -32.83
N TYR A 49 9.72 11.23 -31.64
CA TYR A 49 8.52 11.04 -30.83
C TYR A 49 7.91 12.37 -30.39
N SER A 50 8.77 13.33 -30.06
CA SER A 50 8.32 14.63 -29.59
C SER A 50 7.56 15.42 -30.66
N LEU A 51 7.70 15.01 -31.91
CA LEU A 51 7.02 15.69 -33.01
C LEU A 51 5.57 15.26 -33.11
N ARG A 52 5.24 14.09 -32.57
CA ARG A 52 3.86 13.64 -32.49
C ARG A 52 3.08 14.53 -31.54
N LYS A 53 1.81 14.78 -31.85
CA LYS A 53 0.97 15.59 -31.00
C LYS A 53 -0.21 14.78 -30.47
N ASP A 54 -0.31 13.54 -30.91
CA ASP A 54 -1.30 12.61 -30.37
C ASP A 54 -0.68 11.81 -29.22
N ARG A 55 0.52 12.23 -28.81
CA ARG A 55 1.21 11.61 -27.68
C ARG A 55 1.59 12.66 -26.65
N PRO A 56 1.34 12.36 -25.37
CA PRO A 56 1.80 13.25 -24.29
C PRO A 56 3.32 13.37 -24.32
N PRO A 57 3.85 14.51 -23.85
CA PRO A 57 5.31 14.72 -23.81
C PRO A 57 6.02 13.59 -23.07
N LEU A 58 7.16 13.16 -23.61
CA LEU A 58 7.92 12.06 -23.03
C LEU A 58 9.19 12.58 -22.37
N VAL A 59 9.40 12.22 -21.11
CA VAL A 59 10.59 12.65 -20.39
C VAL A 59 11.85 12.07 -21.03
N PHE A 60 12.78 12.95 -21.36
CA PHE A 60 14.02 12.54 -22.01
C PHE A 60 14.88 11.67 -21.10
N TYR A 61 15.53 10.66 -21.69
CA TYR A 61 16.40 9.76 -20.94
C TYR A 61 17.57 9.29 -21.80
N TRP A 62 18.72 9.09 -21.17
CA TRP A 62 19.93 8.68 -21.90
C TRP A 62 20.00 7.17 -22.10
N ILE A 63 19.80 6.43 -21.02
CA ILE A 63 19.96 4.97 -21.05
C ILE A 63 18.72 4.24 -21.55
N PRO A 64 18.86 3.52 -22.67
CA PRO A 64 17.75 2.73 -23.22
C PRO A 64 17.23 1.69 -22.22
N TRP A 65 15.94 1.38 -22.31
CA TRP A 65 15.25 0.43 -21.43
C TRP A 65 15.11 0.91 -19.99
N VAL A 66 16.19 1.38 -19.38
CA VAL A 66 16.17 1.81 -17.99
C VAL A 66 15.27 3.04 -17.82
N GLY A 67 15.48 4.05 -18.66
CA GLY A 67 14.65 5.23 -18.66
C GLY A 67 14.87 6.10 -17.42
N SER A 68 13.77 6.60 -16.87
CA SER A 68 13.84 7.48 -15.71
C SER A 68 13.70 6.70 -14.40
N ALA A 69 14.06 5.42 -14.44
CA ALA A 69 13.85 4.52 -13.31
C ALA A 69 14.54 4.97 -12.03
N VAL A 70 15.75 5.51 -12.16
CA VAL A 70 16.53 5.91 -11.00
C VAL A 70 15.86 7.06 -10.26
N VAL A 71 15.58 8.15 -10.97
CA VAL A 71 15.02 9.33 -10.33
C VAL A 71 13.59 9.08 -9.85
N TYR A 72 12.85 8.24 -10.58
CA TYR A 72 11.49 7.90 -10.17
C TYR A 72 11.50 6.95 -8.97
N GLY A 73 12.39 5.97 -9.00
CA GLY A 73 12.48 4.99 -7.93
C GLY A 73 12.83 5.60 -6.59
N MET A 74 13.68 6.61 -6.60
CA MET A 74 14.20 7.17 -5.35
C MET A 74 13.36 8.35 -4.83
N LYS A 75 12.94 9.24 -5.73
CA LYS A 75 12.13 10.38 -5.31
C LYS A 75 11.04 10.72 -6.34
N PRO A 76 9.97 9.92 -6.36
CA PRO A 76 8.90 10.02 -7.35
C PRO A 76 8.14 11.35 -7.31
N TYR A 77 7.91 11.92 -6.13
CA TYR A 77 7.15 13.16 -6.04
C TYR A 77 7.97 14.35 -6.55
N GLU A 78 9.28 14.33 -6.30
CA GLU A 78 10.16 15.37 -6.84
C GLU A 78 10.26 15.22 -8.35
N PHE A 79 10.26 13.98 -8.82
CA PHE A 79 10.25 13.70 -10.25
C PHE A 79 8.98 14.26 -10.88
N PHE A 80 7.84 13.94 -10.28
CA PHE A 80 6.55 14.41 -10.77
C PHE A 80 6.46 15.94 -10.80
N GLU A 81 6.99 16.59 -9.76
CA GLU A 81 6.88 18.04 -9.68
C GLU A 81 7.71 18.72 -10.77
N GLU A 82 8.89 18.20 -11.04
CA GLU A 82 9.72 18.73 -12.12
C GLU A 82 9.05 18.51 -13.47
N CYS A 83 8.56 17.31 -13.70
CA CYS A 83 7.85 16.99 -14.94
C CYS A 83 6.61 17.86 -15.10
N GLN A 84 5.92 18.11 -13.99
CA GLN A 84 4.72 18.93 -14.01
C GLN A 84 5.04 20.37 -14.42
N LYS A 85 6.15 20.89 -13.90
CA LYS A 85 6.58 22.25 -14.23
C LYS A 85 6.90 22.35 -15.72
N LYS A 86 7.52 21.31 -16.26
CA LYS A 86 7.96 21.32 -17.65
C LYS A 86 6.85 21.04 -18.64
N TYR A 87 6.04 20.02 -18.36
CA TYR A 87 5.09 19.51 -19.34
C TYR A 87 3.61 19.71 -18.98
N GLY A 88 3.33 20.00 -17.72
CA GLY A 88 1.96 20.05 -17.26
C GLY A 88 1.57 18.76 -16.55
N ASP A 89 0.27 18.45 -16.51
CA ASP A 89 -0.20 17.34 -15.69
C ASP A 89 -0.14 15.98 -16.39
N ILE A 90 0.00 15.97 -17.71
CA ILE A 90 0.07 14.72 -18.45
C ILE A 90 1.41 14.57 -19.15
N PHE A 91 2.10 13.47 -18.85
CA PHE A 91 3.41 13.21 -19.43
C PHE A 91 3.77 11.74 -19.31
N SER A 92 4.69 11.28 -20.14
CA SER A 92 5.13 9.90 -20.10
C SER A 92 6.60 9.80 -19.74
N PHE A 93 6.99 8.66 -19.19
CA PHE A 93 8.41 8.37 -18.99
C PHE A 93 8.65 6.87 -19.09
N VAL A 94 9.88 6.50 -19.45
CA VAL A 94 10.21 5.10 -19.62
C VAL A 94 10.72 4.51 -18.31
N LEU A 95 10.20 3.34 -17.96
CA LEU A 95 10.52 2.70 -16.69
C LEU A 95 10.81 1.21 -16.88
N LEU A 96 12.10 0.86 -16.92
CA LEU A 96 12.55 -0.52 -16.99
C LEU A 96 11.81 -1.33 -18.06
N GLY A 97 11.75 -0.79 -19.27
CA GLY A 97 11.15 -1.48 -20.39
C GLY A 97 9.71 -1.07 -20.68
N ARG A 98 9.13 -0.27 -19.80
CA ARG A 98 7.73 0.12 -19.96
C ARG A 98 7.59 1.61 -20.19
N VAL A 99 6.48 2.00 -20.83
CA VAL A 99 6.14 3.41 -20.94
C VAL A 99 4.99 3.73 -19.98
N MET A 100 5.28 4.57 -19.00
CA MET A 100 4.28 4.98 -18.02
C MET A 100 3.75 6.37 -18.35
N THR A 101 2.44 6.50 -18.53
CA THR A 101 1.84 7.82 -18.71
C THR A 101 1.19 8.31 -17.42
N VAL A 102 1.73 9.40 -16.90
CA VAL A 102 1.25 9.98 -15.65
C VAL A 102 0.19 11.03 -15.93
N TYR A 103 -0.93 10.96 -15.20
CA TYR A 103 -1.91 12.04 -15.21
C TYR A 103 -2.08 12.56 -13.79
N LEU A 104 -1.43 13.69 -13.51
CA LEU A 104 -1.45 14.30 -12.18
C LEU A 104 -2.75 15.05 -11.89
N GLY A 105 -3.15 15.09 -10.62
CA GLY A 105 -4.29 15.88 -10.20
C GLY A 105 -5.62 15.14 -10.26
N PRO A 106 -6.69 15.79 -9.78
CA PRO A 106 -8.05 15.22 -9.70
C PRO A 106 -8.58 14.66 -11.03
N LYS A 107 -8.27 15.31 -12.14
CA LYS A 107 -8.70 14.81 -13.43
C LYS A 107 -7.92 13.55 -13.80
N GLY A 108 -6.71 13.44 -13.26
CA GLY A 108 -5.91 12.24 -13.41
C GLY A 108 -6.50 11.10 -12.59
N HIS A 109 -6.98 11.43 -11.39
CA HIS A 109 -7.71 10.47 -10.58
C HIS A 109 -8.89 9.91 -11.38
N GLU A 110 -9.68 10.80 -11.98
CA GLU A 110 -10.83 10.39 -12.80
C GLU A 110 -10.43 9.53 -13.98
N PHE A 111 -9.37 9.95 -14.69
CA PHE A 111 -8.96 9.27 -15.91
C PHE A 111 -8.52 7.83 -15.67
N VAL A 112 -7.94 7.57 -14.49
CA VAL A 112 -7.41 6.24 -14.21
C VAL A 112 -8.33 5.41 -13.31
N PHE A 113 -8.73 5.96 -12.18
CA PHE A 113 -9.56 5.23 -11.21
C PHE A 113 -10.95 4.92 -11.76
N ASN A 114 -11.48 5.81 -12.60
CA ASN A 114 -12.79 5.59 -13.19
C ASN A 114 -12.72 5.12 -14.63
N ALA A 115 -11.55 4.65 -15.05
CA ALA A 115 -11.39 4.15 -16.40
C ALA A 115 -12.29 2.95 -16.65
N LYS A 116 -12.76 2.82 -17.88
CA LYS A 116 -13.60 1.70 -18.26
C LYS A 116 -12.83 0.38 -18.14
N LEU A 117 -13.55 -0.66 -17.74
CA LEU A 117 -12.98 -1.98 -17.54
C LEU A 117 -12.24 -2.49 -18.78
N ALA A 118 -12.77 -2.17 -19.96
CA ALA A 118 -12.16 -2.60 -21.22
C ALA A 118 -10.92 -1.79 -21.59
N ASP A 119 -10.78 -0.60 -21.01
CA ASP A 119 -9.67 0.27 -21.35
C ASP A 119 -8.37 -0.09 -20.62
N VAL A 120 -8.49 -0.42 -19.33
CA VAL A 120 -7.30 -0.67 -18.52
C VAL A 120 -7.44 -1.94 -17.69
N SER A 121 -6.31 -2.47 -17.25
CA SER A 121 -6.30 -3.66 -16.41
C SER A 121 -5.34 -3.51 -15.24
N ALA A 122 -5.86 -3.68 -14.03
CA ALA A 122 -5.01 -3.68 -12.85
C ALA A 122 -4.27 -5.01 -12.71
N GLU A 123 -5.00 -6.12 -12.92
CA GLU A 123 -4.40 -7.44 -12.71
C GLU A 123 -3.26 -7.66 -13.70
N ALA A 124 -3.34 -7.06 -14.88
CA ALA A 124 -2.27 -7.18 -15.85
C ALA A 124 -1.02 -6.43 -15.39
N ALA A 125 -1.21 -5.45 -14.50
CA ALA A 125 -0.09 -4.70 -13.95
C ALA A 125 0.50 -5.34 -12.70
N TYR A 126 -0.34 -5.99 -11.90
CA TYR A 126 0.08 -6.43 -10.57
C TYR A 126 0.22 -7.93 -10.35
N ALA A 127 -0.41 -8.75 -11.19
CA ALA A 127 -0.45 -10.20 -10.96
C ALA A 127 0.94 -10.83 -10.83
N HIS A 128 1.91 -10.30 -11.58
CA HIS A 128 3.25 -10.86 -11.57
C HIS A 128 3.90 -10.76 -10.20
N LEU A 129 3.54 -9.74 -9.44
CA LEU A 129 4.11 -9.52 -8.12
C LEU A 129 3.29 -10.23 -7.05
N THR A 130 1.99 -9.98 -7.03
CA THR A 130 1.15 -10.45 -5.94
C THR A 130 0.89 -11.95 -5.95
N THR A 131 0.64 -12.52 -7.13
CA THR A 131 0.31 -13.95 -7.23
C THR A 131 1.34 -14.87 -6.57
N PRO A 132 2.65 -14.64 -6.80
CA PRO A 132 3.63 -15.51 -6.11
C PRO A 132 3.61 -15.35 -4.59
N VAL A 133 3.21 -14.17 -4.13
CA VAL A 133 3.17 -13.92 -2.70
C VAL A 133 1.93 -14.50 -2.06
N PHE A 134 0.77 -14.21 -2.63
CA PHE A 134 -0.51 -14.60 -2.04
C PHE A 134 -0.91 -16.03 -2.40
N GLY A 135 -0.63 -16.41 -3.64
CA GLY A 135 -1.05 -17.70 -4.14
C GLY A 135 -1.97 -17.52 -5.34
N LYS A 136 -2.37 -18.64 -5.94
CA LYS A 136 -3.13 -18.60 -7.19
C LYS A 136 -4.63 -18.46 -6.97
N GLY A 137 -5.32 -18.00 -7.99
CA GLY A 137 -6.78 -17.99 -8.00
C GLY A 137 -7.47 -16.78 -7.39
N VAL A 138 -6.70 -15.90 -6.74
CA VAL A 138 -7.31 -14.76 -6.05
C VAL A 138 -6.63 -13.42 -6.33
N ILE A 139 -7.32 -12.36 -5.92
CA ILE A 139 -6.86 -10.97 -6.09
C ILE A 139 -6.61 -10.62 -7.56
N TYR A 140 -5.37 -10.78 -8.02
CA TYR A 140 -5.04 -10.41 -9.38
C TYR A 140 -4.74 -11.63 -10.28
N ASP A 141 -4.96 -12.82 -9.74
CA ASP A 141 -4.80 -14.06 -10.50
C ASP A 141 -6.17 -14.64 -10.81
N CYS A 142 -7.01 -13.81 -11.41
CA CYS A 142 -8.41 -14.13 -11.68
C CYS A 142 -9.02 -12.95 -12.42
N PRO A 143 -10.10 -13.20 -13.19
CA PRO A 143 -10.82 -12.10 -13.84
C PRO A 143 -11.31 -11.07 -12.84
N ASN A 144 -11.50 -9.84 -13.30
CA ASN A 144 -11.93 -8.76 -12.43
C ASN A 144 -13.24 -9.07 -11.72
N SER A 145 -14.12 -9.82 -12.40
CA SER A 145 -15.42 -10.15 -11.83
C SER A 145 -15.28 -11.01 -10.59
N ARG A 146 -14.25 -11.86 -10.59
CA ARG A 146 -13.95 -12.69 -9.43
C ARG A 146 -13.41 -11.83 -8.27
N LEU A 147 -12.50 -10.92 -8.59
CA LEU A 147 -12.00 -9.96 -7.60
C LEU A 147 -13.14 -9.16 -6.95
N MET A 148 -14.09 -8.71 -7.76
CA MET A 148 -15.22 -7.94 -7.24
C MET A 148 -15.97 -8.72 -6.15
N GLU A 149 -16.21 -10.01 -6.41
CA GLU A 149 -16.93 -10.86 -5.46
C GLU A 149 -16.05 -11.25 -4.27
N GLN A 150 -14.75 -11.40 -4.51
CA GLN A 150 -13.82 -11.67 -3.41
C GLN A 150 -13.85 -10.51 -2.43
N LYS A 151 -13.85 -9.29 -2.96
CA LYS A 151 -13.92 -8.09 -2.13
C LYS A 151 -15.23 -8.06 -1.36
N LYS A 152 -16.32 -8.48 -2.02
CA LYS A 152 -17.61 -8.61 -1.36
C LYS A 152 -17.57 -9.59 -0.19
N PHE A 153 -16.89 -10.72 -0.40
CA PHE A 153 -16.74 -11.74 0.65
C PHE A 153 -16.00 -11.20 1.87
N VAL A 154 -14.89 -10.50 1.62
CA VAL A 154 -14.07 -9.98 2.70
C VAL A 154 -14.81 -8.89 3.47
N LYS A 155 -15.51 -8.02 2.76
CA LYS A 155 -16.31 -6.95 3.38
C LYS A 155 -17.37 -7.50 4.35
N GLY A 156 -17.82 -8.72 4.09
CA GLY A 156 -18.82 -9.36 4.92
C GLY A 156 -18.35 -9.63 6.33
N ALA A 157 -17.03 -9.73 6.51
CA ALA A 157 -16.46 -9.84 7.84
C ALA A 157 -15.99 -8.48 8.36
N LEU A 158 -16.23 -7.43 7.59
CA LEU A 158 -15.82 -6.08 7.99
C LEU A 158 -17.02 -5.20 8.25
N THR A 159 -17.88 -5.64 9.17
CA THR A 159 -19.09 -4.92 9.51
C THR A 159 -18.93 -4.16 10.82
N LYS A 160 -19.89 -3.28 11.11
CA LYS A 160 -19.89 -2.55 12.38
C LYS A 160 -19.91 -3.50 13.57
N GLU A 161 -20.73 -4.55 13.47
CA GLU A 161 -20.83 -5.55 14.53
C GLU A 161 -19.52 -6.31 14.71
N ALA A 162 -18.78 -6.49 13.62
CA ALA A 162 -17.48 -7.15 13.71
C ALA A 162 -16.48 -6.25 14.43
N PHE A 163 -16.49 -4.97 14.09
CA PHE A 163 -15.59 -3.99 14.70
C PHE A 163 -15.83 -3.85 16.19
N LYS A 164 -17.10 -3.94 16.60
CA LYS A 164 -17.44 -3.93 18.02
C LYS A 164 -16.77 -5.08 18.76
N SER A 165 -16.60 -6.21 18.06
CA SER A 165 -15.97 -7.38 18.67
C SER A 165 -14.46 -7.30 18.55
N TYR A 166 -13.97 -6.70 17.46
CA TYR A 166 -12.53 -6.58 17.24
C TYR A 166 -11.85 -5.63 18.24
N VAL A 167 -12.55 -4.56 18.63
CA VAL A 167 -11.92 -3.51 19.45
C VAL A 167 -11.36 -4.02 20.78
N PRO A 168 -12.15 -4.77 21.58
CA PRO A 168 -11.51 -5.32 22.79
C PRO A 168 -10.40 -6.32 22.51
N LEU A 169 -10.48 -7.05 21.40
CA LEU A 169 -9.44 -8.01 21.04
C LEU A 169 -8.15 -7.28 20.68
N ILE A 170 -8.30 -6.21 19.90
CA ILE A 170 -7.16 -5.41 19.49
C ILE A 170 -6.54 -4.71 20.71
N ALA A 171 -7.40 -4.19 21.59
CA ALA A 171 -6.93 -3.57 22.82
C ALA A 171 -6.11 -4.55 23.66
N GLU A 172 -6.61 -5.76 23.79
CA GLU A 172 -5.91 -6.80 24.55
C GLU A 172 -4.50 -7.01 24.01
N GLU A 173 -4.38 -7.06 22.68
CA GLU A 173 -3.07 -7.27 22.04
C GLU A 173 -2.11 -6.10 22.25
N VAL A 174 -2.64 -4.88 22.26
CA VAL A 174 -1.78 -3.71 22.46
C VAL A 174 -1.22 -3.73 23.87
N TYR A 175 -2.09 -4.00 24.85
CA TYR A 175 -1.65 -4.08 26.24
C TYR A 175 -0.69 -5.23 26.45
N LYS A 176 -0.96 -6.38 25.82
CA LYS A 176 -0.06 -7.52 25.91
C LYS A 176 1.32 -7.15 25.37
N TYR A 177 1.32 -6.41 24.26
CA TYR A 177 2.58 -5.96 23.66
C TYR A 177 3.32 -4.99 24.59
N PHE A 178 2.60 -4.05 25.20
CA PHE A 178 3.23 -3.15 26.17
C PHE A 178 3.81 -3.93 27.36
N ARG A 179 3.09 -4.96 27.78
CA ARG A 179 3.50 -5.78 28.91
C ARG A 179 4.66 -6.71 28.60
N ASP A 180 4.63 -7.36 27.44
CA ASP A 180 5.52 -8.48 27.18
C ASP A 180 6.69 -8.16 26.25
N SER A 181 6.50 -7.23 25.31
CA SER A 181 7.55 -6.96 24.33
C SER A 181 8.76 -6.33 25.01
N LYS A 182 9.95 -6.75 24.57
CA LYS A 182 11.21 -6.21 25.10
C LYS A 182 11.37 -4.73 24.74
N ASN A 183 10.66 -4.28 23.71
CA ASN A 183 10.70 -2.88 23.33
C ASN A 183 10.02 -2.00 24.37
N PHE A 184 9.15 -2.58 25.19
CA PHE A 184 8.49 -1.81 26.26
C PHE A 184 8.74 -2.39 27.65
N ARG A 185 8.02 -3.46 27.99
CA ARG A 185 8.03 -4.03 29.34
C ARG A 185 7.61 -2.98 30.38
N LEU A 186 6.37 -2.51 30.27
CA LEU A 186 5.92 -1.37 31.07
C LEU A 186 5.83 -1.65 32.57
N ASN A 187 5.71 -2.92 32.95
CA ASN A 187 5.68 -3.28 34.37
C ASN A 187 7.06 -3.20 35.01
N GLU A 188 8.10 -3.20 34.19
CA GLU A 188 9.48 -3.22 34.66
C GLU A 188 10.19 -1.90 34.38
N ARG A 189 9.80 -1.23 33.30
CA ARG A 189 10.43 0.01 32.88
C ARG A 189 9.41 1.13 32.73
N THR A 190 9.85 2.36 33.06
CA THR A 190 8.99 3.54 32.98
C THR A 190 9.38 4.45 31.82
N THR A 191 10.53 4.16 31.22
CA THR A 191 10.97 4.90 30.03
C THR A 191 11.89 4.02 29.19
N GLY A 192 12.01 4.36 27.91
CA GLY A 192 12.86 3.61 27.01
C GLY A 192 12.87 4.18 25.60
N THR A 193 13.72 3.61 24.75
CA THR A 193 13.81 4.03 23.36
C THR A 193 13.39 2.89 22.43
N ILE A 194 12.55 3.19 21.44
CA ILE A 194 12.13 2.18 20.47
C ILE A 194 12.35 2.65 19.03
N ASP A 195 12.53 1.67 18.14
CA ASP A 195 12.50 1.92 16.71
C ASP A 195 11.08 1.63 16.26
N VAL A 196 10.38 2.64 15.73
CA VAL A 196 8.97 2.43 15.37
C VAL A 196 8.86 1.52 14.16
N MET A 197 9.95 1.42 13.39
CA MET A 197 9.98 0.49 12.26
C MET A 197 10.19 -0.95 12.73
N VAL A 198 10.47 -1.12 14.01
CA VAL A 198 10.52 -2.45 14.61
C VAL A 198 9.19 -2.76 15.30
N THR A 199 8.71 -1.81 16.12
CA THR A 199 7.53 -2.06 16.95
C THR A 199 6.23 -2.10 16.16
N GLN A 200 6.06 -1.19 15.21
CA GLN A 200 4.77 -1.07 14.53
C GLN A 200 4.44 -2.27 13.63
N PRO A 201 5.42 -2.81 12.87
CA PRO A 201 5.08 -4.06 12.17
C PRO A 201 4.65 -5.19 13.10
N GLU A 202 5.27 -5.29 14.28
CA GLU A 202 4.89 -6.33 15.23
C GLU A 202 3.49 -6.09 15.78
N MET A 203 3.23 -4.87 16.23
CA MET A 203 1.93 -4.51 16.79
C MET A 203 0.84 -4.70 15.74
N THR A 204 1.18 -4.37 14.50
CA THR A 204 0.22 -4.46 13.41
C THR A 204 -0.17 -5.92 13.12
N ILE A 205 0.82 -6.82 13.05
CA ILE A 205 0.51 -8.20 12.71
C ILE A 205 -0.19 -8.90 13.89
N PHE A 206 0.18 -8.54 15.12
CA PHE A 206 -0.44 -9.11 16.30
C PHE A 206 -1.91 -8.73 16.40
N THR A 207 -2.22 -7.45 16.16
CA THR A 207 -3.60 -6.99 16.30
C THR A 207 -4.45 -7.48 15.13
N ALA A 208 -3.88 -7.48 13.93
CA ALA A 208 -4.62 -7.91 12.75
C ALA A 208 -4.86 -9.43 12.75
N SER A 209 -3.88 -10.19 13.22
CA SER A 209 -4.03 -11.64 13.26
C SER A 209 -5.12 -12.03 14.25
N ARG A 210 -5.04 -11.48 15.45
CA ARG A 210 -5.99 -11.81 16.51
C ARG A 210 -7.43 -11.55 16.07
N SER A 211 -7.66 -10.41 15.44
CA SER A 211 -9.02 -10.01 15.10
C SER A 211 -9.53 -10.68 13.83
N LEU A 212 -8.73 -10.67 12.77
CA LEU A 212 -9.20 -11.19 11.49
C LEU A 212 -9.01 -12.70 11.35
N LEU A 213 -7.92 -13.23 11.90
CA LEU A 213 -7.60 -14.65 11.73
C LEU A 213 -8.02 -15.50 12.93
N GLY A 214 -8.05 -14.90 14.11
CA GLY A 214 -8.50 -15.60 15.31
C GLY A 214 -7.38 -16.01 16.25
N LYS A 215 -7.78 -16.57 17.39
CA LYS A 215 -6.83 -16.85 18.48
C LYS A 215 -5.79 -17.89 18.12
N GLU A 216 -6.19 -18.92 17.36
CA GLU A 216 -5.27 -19.99 16.98
C GLU A 216 -4.11 -19.45 16.14
N MET A 217 -4.47 -18.65 15.13
CA MET A 217 -3.47 -18.10 14.22
C MET A 217 -2.58 -17.05 14.90
N ARG A 218 -3.16 -16.28 15.81
CA ARG A 218 -2.37 -15.36 16.60
C ARG A 218 -1.37 -16.13 17.46
N ALA A 219 -1.82 -17.22 18.05
CA ALA A 219 -0.97 -18.05 18.90
C ALA A 219 0.26 -18.56 18.15
N LYS A 220 0.11 -18.83 16.86
CA LYS A 220 1.22 -19.30 16.04
C LYS A 220 2.33 -18.25 15.88
N LEU A 221 1.97 -16.97 16.02
CA LEU A 221 2.96 -15.89 15.86
C LEU A 221 3.94 -15.80 17.03
N ASP A 222 3.67 -16.54 18.10
CA ASP A 222 4.59 -16.62 19.22
C ASP A 222 5.66 -17.69 19.01
N THR A 223 5.66 -18.33 17.84
CA THR A 223 6.60 -19.41 17.57
C THR A 223 7.47 -19.13 16.34
N ASP A 224 8.29 -20.10 15.97
CA ASP A 224 9.17 -20.00 14.79
C ASP A 224 8.37 -19.77 13.51
N PHE A 225 7.09 -20.11 13.55
CA PHE A 225 6.19 -19.89 12.43
C PHE A 225 6.19 -18.42 11.99
N ALA A 226 6.41 -17.52 12.94
CA ALA A 226 6.44 -16.08 12.65
C ALA A 226 7.51 -15.74 11.61
N TYR A 227 8.57 -16.53 11.56
CA TYR A 227 9.64 -16.31 10.59
C TYR A 227 9.15 -16.45 9.16
N LEU A 228 8.14 -17.31 8.95
CA LEU A 228 7.57 -17.49 7.63
C LEU A 228 6.93 -16.21 7.09
N TYR A 229 6.23 -15.47 7.96
CA TYR A 229 5.64 -14.20 7.56
C TYR A 229 6.71 -13.21 7.13
N SER A 230 7.84 -13.24 7.84
CA SER A 230 8.97 -12.40 7.49
C SER A 230 9.56 -12.80 6.13
N ASP A 231 9.61 -14.10 5.87
CA ASP A 231 10.07 -14.60 4.58
C ASP A 231 9.12 -14.16 3.47
N LEU A 232 7.83 -14.40 3.69
CA LEU A 232 6.80 -14.03 2.73
C LEU A 232 6.83 -12.53 2.48
N ASP A 233 7.20 -11.79 3.53
CA ASP A 233 7.31 -10.34 3.47
C ASP A 233 8.32 -9.87 2.42
N LYS A 234 9.35 -10.69 2.19
CA LYS A 234 10.44 -10.34 1.28
C LYS A 234 10.03 -10.44 -0.18
N GLY A 235 9.06 -11.29 -0.46
CA GLY A 235 8.55 -11.45 -1.81
C GLY A 235 7.71 -10.26 -2.24
N PHE A 236 7.26 -9.48 -1.27
CA PHE A 236 6.48 -8.28 -1.53
C PHE A 236 7.41 -7.08 -1.66
N THR A 237 8.04 -6.94 -2.82
CA THR A 237 9.09 -5.95 -3.06
C THR A 237 9.04 -5.50 -4.51
N PRO A 238 9.26 -4.20 -4.78
CA PRO A 238 9.31 -3.66 -6.15
C PRO A 238 10.23 -4.44 -7.08
N ILE A 239 11.24 -5.10 -6.54
CA ILE A 239 12.14 -5.95 -7.31
C ILE A 239 11.35 -6.99 -8.12
N ASN A 240 10.34 -7.57 -7.49
CA ASN A 240 9.56 -8.64 -8.12
C ASN A 240 8.62 -8.13 -9.21
N PHE A 241 8.60 -6.82 -9.42
CA PHE A 241 7.92 -6.23 -10.57
C PHE A 241 8.71 -6.49 -11.85
N VAL A 242 10.03 -6.58 -11.70
CA VAL A 242 10.92 -6.78 -12.84
C VAL A 242 11.46 -8.20 -12.87
N PHE A 243 11.88 -8.68 -11.69
CA PHE A 243 12.34 -10.06 -11.54
C PHE A 243 11.41 -10.84 -10.62
N PRO A 244 10.24 -11.23 -11.12
CA PRO A 244 9.27 -11.95 -10.29
C PRO A 244 9.78 -13.32 -9.87
N ASN A 245 10.54 -13.96 -10.76
CA ASN A 245 11.16 -15.24 -10.45
C ASN A 245 12.54 -15.38 -11.07
N LEU A 246 13.56 -15.11 -10.27
CA LEU A 246 14.92 -15.56 -10.60
C LEU A 246 15.33 -16.55 -9.51
N PRO A 247 15.91 -17.69 -9.91
CA PRO A 247 16.08 -18.84 -9.02
C PRO A 247 17.13 -18.66 -7.93
N LEU A 248 16.92 -17.73 -7.01
CA LEU A 248 17.79 -17.62 -5.84
C LEU A 248 16.99 -17.78 -4.54
N GLU A 249 17.64 -17.49 -3.41
CA GLU A 249 17.17 -17.95 -2.11
C GLU A 249 15.86 -17.34 -1.61
N HIS A 250 15.79 -16.02 -1.51
CA HIS A 250 14.61 -15.40 -0.89
C HIS A 250 13.34 -15.62 -1.71
N TYR A 251 13.51 -16.01 -2.97
CA TYR A 251 12.38 -16.43 -3.79
C TYR A 251 11.88 -17.80 -3.35
N ARG A 252 12.80 -18.66 -2.91
CA ARG A 252 12.45 -20.00 -2.44
C ARG A 252 11.74 -19.94 -1.10
N LYS A 253 12.32 -19.21 -0.16
CA LYS A 253 11.72 -19.04 1.16
C LYS A 253 10.37 -18.35 1.06
N ARG A 254 10.21 -17.49 0.07
CA ARG A 254 8.91 -16.86 -0.21
C ARG A 254 7.89 -17.91 -0.62
N ASP A 255 8.24 -18.70 -1.64
CA ASP A 255 7.34 -19.75 -2.12
C ASP A 255 7.05 -20.77 -1.03
N HIS A 256 8.08 -21.08 -0.24
CA HIS A 256 7.93 -22.00 0.88
C HIS A 256 6.98 -21.45 1.92
N ALA A 257 7.16 -20.17 2.26
CA ALA A 257 6.30 -19.50 3.23
C ALA A 257 4.83 -19.50 2.80
N GLN A 258 4.59 -19.23 1.52
CA GLN A 258 3.22 -19.19 0.99
C GLN A 258 2.52 -20.54 1.17
N LYS A 259 3.22 -21.61 0.81
CA LYS A 259 2.69 -22.95 0.99
C LYS A 259 2.47 -23.27 2.46
N ALA A 260 3.49 -22.97 3.26
CA ALA A 260 3.45 -23.28 4.69
C ALA A 260 2.34 -22.50 5.40
N ILE A 261 2.16 -21.24 5.05
CA ILE A 261 1.17 -20.41 5.72
C ILE A 261 -0.23 -20.76 5.22
N SER A 262 -0.41 -20.88 3.91
CA SER A 262 -1.72 -21.25 3.37
C SER A 262 -2.11 -22.64 3.87
N GLY A 263 -1.11 -23.52 4.03
CA GLY A 263 -1.34 -24.85 4.56
C GLY A 263 -1.89 -24.79 5.97
N THR A 264 -1.36 -23.88 6.76
CA THR A 264 -1.82 -23.70 8.13
C THR A 264 -3.26 -23.21 8.16
N TYR A 265 -3.59 -22.26 7.28
CA TYR A 265 -4.95 -21.76 7.21
C TYR A 265 -5.91 -22.87 6.78
N MET A 266 -5.52 -23.64 5.77
CA MET A 266 -6.37 -24.72 5.28
C MET A 266 -6.60 -25.77 6.37
N SER A 267 -5.55 -26.05 7.14
CA SER A 267 -5.66 -26.98 8.25
C SER A 267 -6.74 -26.54 9.24
N LEU A 268 -6.79 -25.25 9.55
CA LEU A 268 -7.80 -24.71 10.45
C LEU A 268 -9.18 -24.74 9.82
N ILE A 269 -9.25 -24.36 8.54
CA ILE A 269 -10.50 -24.37 7.80
C ILE A 269 -11.12 -25.77 7.80
N LYS A 270 -10.30 -26.76 7.44
CA LYS A 270 -10.78 -28.14 7.36
C LYS A 270 -11.10 -28.70 8.75
N GLU A 271 -10.34 -28.28 9.75
CA GLU A 271 -10.60 -28.70 11.13
C GLU A 271 -11.92 -28.12 11.64
N ARG A 272 -12.19 -26.86 11.33
CA ARG A 272 -13.43 -26.21 11.77
C ARG A 272 -14.67 -26.84 11.13
N ARG A 273 -14.56 -27.22 9.86
CA ARG A 273 -15.71 -27.76 9.14
C ARG A 273 -16.05 -29.19 9.59
N LYS A 274 -15.02 -29.99 9.84
CA LYS A 274 -15.24 -31.37 10.26
C LYS A 274 -15.61 -31.44 11.74
N ASN A 275 -15.49 -30.31 12.44
CA ASN A 275 -15.99 -30.22 13.81
C ASN A 275 -17.30 -29.45 13.83
N ASN A 276 -17.71 -28.96 12.67
CA ASN A 276 -18.81 -28.00 12.56
C ASN A 276 -18.61 -26.85 13.54
N ASP A 277 -17.36 -26.41 13.65
CA ASP A 277 -16.96 -25.35 14.55
C ASP A 277 -16.84 -24.03 13.79
N ILE A 278 -17.92 -23.67 13.09
CA ILE A 278 -17.93 -22.45 12.29
C ILE A 278 -18.89 -21.41 12.86
N GLN A 279 -18.35 -20.40 13.51
CA GLN A 279 -19.15 -19.37 14.15
C GLN A 279 -19.12 -18.06 13.36
N ASP A 280 -19.06 -16.95 14.08
CA ASP A 280 -18.95 -15.62 13.47
C ASP A 280 -17.82 -14.85 14.14
N ARG A 281 -16.75 -15.55 14.48
CA ARG A 281 -15.65 -14.96 15.22
C ARG A 281 -14.77 -14.07 14.35
N ASP A 282 -14.30 -14.63 13.23
CA ASP A 282 -13.25 -13.98 12.45
C ASP A 282 -13.51 -14.03 10.95
N LEU A 283 -12.50 -13.68 10.16
CA LEU A 283 -12.64 -13.62 8.71
C LEU A 283 -12.66 -15.04 8.13
N ILE A 284 -12.06 -15.96 8.85
CA ILE A 284 -12.04 -17.37 8.45
C ILE A 284 -13.43 -17.96 8.52
N ASP A 285 -14.11 -17.79 9.66
CA ASP A 285 -15.50 -18.19 9.80
C ASP A 285 -16.34 -17.61 8.66
N SER A 286 -16.15 -16.32 8.40
CA SER A 286 -16.93 -15.60 7.42
C SER A 286 -16.74 -16.11 6.00
N LEU A 287 -15.49 -16.35 5.61
CA LEU A 287 -15.21 -16.82 4.27
C LEU A 287 -15.68 -18.27 4.12
N MET A 288 -15.60 -19.05 5.20
CA MET A 288 -16.08 -20.43 5.16
C MET A 288 -17.59 -20.47 4.90
N LYS A 289 -18.32 -19.51 5.47
CA LYS A 289 -19.76 -19.47 5.32
C LYS A 289 -20.20 -18.63 4.11
N ASN A 290 -19.27 -17.88 3.54
CA ASN A 290 -19.61 -16.91 2.50
C ASN A 290 -18.48 -16.71 1.50
N SER A 291 -18.38 -17.63 0.54
CA SER A 291 -17.36 -17.55 -0.49
C SER A 291 -17.79 -18.31 -1.75
N THR A 292 -19.09 -18.28 -2.03
CA THR A 292 -19.61 -18.87 -3.26
C THR A 292 -19.93 -17.77 -4.26
N TYR A 293 -19.29 -17.83 -5.43
CA TYR A 293 -19.53 -16.85 -6.47
C TYR A 293 -20.97 -16.92 -6.99
N LYS A 294 -21.38 -15.89 -7.70
CA LYS A 294 -22.76 -15.78 -8.16
C LYS A 294 -23.12 -16.85 -9.20
N ASP A 295 -22.11 -17.43 -9.84
CA ASP A 295 -22.34 -18.47 -10.85
C ASP A 295 -22.43 -19.85 -10.19
N GLY A 296 -22.23 -19.86 -8.88
CA GLY A 296 -22.39 -21.08 -8.08
C GLY A 296 -21.09 -21.79 -7.76
N VAL A 297 -20.01 -21.38 -8.40
CA VAL A 297 -18.70 -21.96 -8.12
C VAL A 297 -18.23 -21.51 -6.74
N LYS A 298 -17.79 -22.47 -5.92
CA LYS A 298 -17.30 -22.15 -4.59
C LYS A 298 -15.78 -21.96 -4.61
N MET A 299 -15.29 -21.01 -3.81
CA MET A 299 -13.86 -20.87 -3.60
C MET A 299 -13.34 -22.14 -2.94
N THR A 300 -12.18 -22.61 -3.36
CA THR A 300 -11.57 -23.77 -2.72
C THR A 300 -10.94 -23.33 -1.41
N ASP A 301 -10.58 -24.30 -0.59
CA ASP A 301 -9.95 -24.00 0.68
C ASP A 301 -8.60 -23.34 0.45
N GLN A 302 -7.95 -23.70 -0.65
CA GLN A 302 -6.69 -23.07 -1.04
C GLN A 302 -6.90 -21.61 -1.41
N GLU A 303 -7.95 -21.33 -2.19
CA GLU A 303 -8.24 -19.97 -2.62
C GLU A 303 -8.65 -19.09 -1.45
N ILE A 304 -9.41 -19.66 -0.51
CA ILE A 304 -9.79 -18.97 0.70
C ILE A 304 -8.55 -18.62 1.52
N ALA A 305 -7.66 -19.60 1.66
CA ALA A 305 -6.40 -19.38 2.37
C ALA A 305 -5.55 -18.31 1.69
N ASN A 306 -5.48 -18.37 0.37
CA ASN A 306 -4.69 -17.39 -0.39
C ASN A 306 -5.27 -15.97 -0.26
N LEU A 307 -6.59 -15.87 -0.25
CA LEU A 307 -7.28 -14.59 -0.11
C LEU A 307 -6.99 -13.99 1.26
N LEU A 308 -6.90 -14.86 2.27
CA LEU A 308 -6.55 -14.45 3.63
C LEU A 308 -5.16 -13.84 3.67
N ILE A 309 -4.21 -14.50 3.01
CA ILE A 309 -2.83 -14.01 2.95
C ILE A 309 -2.75 -12.63 2.31
N GLY A 310 -3.39 -12.47 1.16
CA GLY A 310 -3.34 -11.21 0.42
C GLY A 310 -3.92 -10.06 1.22
N VAL A 311 -5.05 -10.33 1.88
CA VAL A 311 -5.74 -9.30 2.65
C VAL A 311 -4.93 -8.90 3.89
N LEU A 312 -4.42 -9.89 4.63
CA LEU A 312 -3.61 -9.62 5.81
C LEU A 312 -2.29 -8.93 5.45
N MET A 313 -1.70 -9.36 4.34
CA MET A 313 -0.42 -8.80 3.88
C MET A 313 -0.54 -7.35 3.46
N GLY A 314 -1.57 -7.04 2.67
CA GLY A 314 -1.79 -5.69 2.20
C GLY A 314 -2.08 -4.75 3.35
N GLY A 315 -3.02 -5.15 4.20
CA GLY A 315 -3.38 -4.37 5.38
C GLY A 315 -2.23 -4.26 6.37
N GLN A 316 -1.33 -5.23 6.35
CA GLN A 316 -0.15 -5.19 7.21
C GLN A 316 0.75 -3.99 6.89
N HIS A 317 1.16 -3.87 5.63
CA HIS A 317 2.13 -2.87 5.24
C HIS A 317 1.60 -1.45 5.25
N THR A 318 0.34 -1.27 4.84
CA THR A 318 -0.27 0.06 4.85
C THR A 318 -0.43 0.54 6.28
N SER A 319 -1.01 -0.31 7.13
CA SER A 319 -1.33 0.09 8.50
C SER A 319 -0.06 0.34 9.32
N ALA A 320 0.92 -0.56 9.19
CA ALA A 320 2.16 -0.45 9.95
C ALA A 320 2.93 0.82 9.58
N ALA A 321 2.89 1.19 8.30
CA ALA A 321 3.53 2.43 7.87
C ALA A 321 2.86 3.63 8.52
N ILE A 322 1.53 3.61 8.54
CA ILE A 322 0.77 4.76 9.03
C ILE A 322 0.93 4.96 10.54
N SER A 323 0.85 3.88 11.32
CA SER A 323 0.97 4.02 12.77
C SER A 323 2.38 4.50 13.09
N ALA A 324 3.35 4.07 12.29
CA ALA A 324 4.72 4.54 12.45
C ALA A 324 4.80 6.05 12.19
N TRP A 325 4.18 6.51 11.11
CA TRP A 325 4.18 7.92 10.77
C TRP A 325 3.44 8.75 11.81
N ILE A 326 2.36 8.21 12.37
CA ILE A 326 1.61 8.93 13.39
C ILE A 326 2.48 9.17 14.63
N LEU A 327 3.17 8.12 15.09
CA LEU A 327 4.05 8.25 16.25
C LEU A 327 5.14 9.28 15.98
N LEU A 328 5.71 9.23 14.77
CA LEU A 328 6.81 10.12 14.40
C LEU A 328 6.39 11.59 14.32
N HIS A 329 5.21 11.86 13.77
CA HIS A 329 4.74 13.24 13.74
C HIS A 329 4.36 13.75 15.13
N LEU A 330 3.77 12.89 15.94
CA LEU A 330 3.36 13.34 17.28
C LEU A 330 4.58 13.51 18.19
N ALA A 331 5.67 12.81 17.87
CA ALA A 331 6.88 12.84 18.68
C ALA A 331 7.46 14.27 18.82
N GLU A 332 7.26 15.09 17.80
CA GLU A 332 7.72 16.48 17.89
C GLU A 332 6.54 17.43 18.11
N ARG A 333 5.38 16.87 18.46
CA ARG A 333 4.20 17.71 18.73
C ARG A 333 3.55 17.36 20.05
N PRO A 334 4.20 17.72 21.18
CA PRO A 334 3.59 17.45 22.49
C PRO A 334 2.27 18.21 22.68
N ASP A 335 2.08 19.30 21.95
CA ASP A 335 0.81 20.02 21.98
C ASP A 335 -0.33 19.16 21.41
N VAL A 336 -0.04 18.41 20.35
CA VAL A 336 -1.04 17.50 19.78
C VAL A 336 -1.28 16.30 20.70
N GLN A 337 -0.22 15.76 21.29
CA GLN A 337 -0.38 14.65 22.24
C GLN A 337 -1.29 15.09 23.38
N GLN A 338 -1.06 16.32 23.85
CA GLN A 338 -1.83 16.89 24.94
C GLN A 338 -3.29 17.05 24.56
N GLU A 339 -3.53 17.57 23.37
CA GLU A 339 -4.88 17.74 22.88
C GLU A 339 -5.58 16.39 22.69
N LEU A 340 -4.87 15.40 22.16
CA LEU A 340 -5.47 14.08 22.01
C LEU A 340 -5.75 13.44 23.36
N TYR A 341 -4.87 13.66 24.33
CA TYR A 341 -5.08 13.11 25.67
C TYR A 341 -6.34 13.65 26.34
N GLU A 342 -6.55 14.96 26.25
CA GLU A 342 -7.76 15.58 26.81
C GLU A 342 -9.03 14.94 26.22
N GLU A 343 -9.01 14.70 24.92
CA GLU A 343 -10.15 14.06 24.25
C GLU A 343 -10.38 12.64 24.81
N GLN A 344 -9.29 11.90 25.02
CA GLN A 344 -9.41 10.57 25.63
C GLN A 344 -10.06 10.64 27.01
N MET A 345 -9.62 11.60 27.82
CA MET A 345 -10.16 11.76 29.16
C MET A 345 -11.65 12.11 29.15
N ARG A 346 -12.04 12.98 28.23
CA ARG A 346 -13.44 13.40 28.13
C ARG A 346 -14.35 12.27 27.61
N VAL A 347 -13.94 11.62 26.52
CA VAL A 347 -14.78 10.58 25.92
C VAL A 347 -14.84 9.30 26.78
N LEU A 348 -13.73 8.95 27.43
CA LEU A 348 -13.68 7.74 28.23
C LEU A 348 -13.83 8.03 29.72
N ASP A 349 -14.32 9.23 30.05
CA ASP A 349 -14.52 9.66 31.42
C ASP A 349 -13.31 9.38 32.30
N GLY A 350 -12.20 10.04 32.01
CA GLY A 350 -10.99 9.87 32.78
C GLY A 350 -10.38 8.49 32.67
N GLY A 351 -10.80 7.73 31.66
CA GLY A 351 -10.25 6.41 31.41
C GLY A 351 -11.01 5.30 32.12
N LYS A 352 -12.13 5.64 32.73
CA LYS A 352 -12.91 4.64 33.47
C LYS A 352 -13.89 3.90 32.56
N LYS A 353 -14.28 4.52 31.45
CA LYS A 353 -15.05 3.83 30.41
C LYS A 353 -14.13 2.92 29.61
N GLU A 354 -14.57 1.69 29.36
CA GLU A 354 -13.85 0.80 28.46
C GLU A 354 -14.04 1.26 27.02
N LEU A 355 -12.95 1.32 26.27
CA LEU A 355 -12.98 1.70 24.87
C LEU A 355 -13.85 0.74 24.06
N THR A 356 -14.77 1.29 23.28
CA THR A 356 -15.62 0.50 22.38
C THR A 356 -15.52 1.08 20.98
N TYR A 357 -16.04 0.37 19.99
CA TYR A 357 -16.09 0.92 18.64
C TYR A 357 -16.94 2.20 18.56
N ASP A 358 -18.05 2.24 19.30
CA ASP A 358 -18.91 3.42 19.32
C ASP A 358 -18.18 4.64 19.88
N LEU A 359 -17.37 4.43 20.90
CA LEU A 359 -16.65 5.54 21.55
C LEU A 359 -15.51 6.04 20.66
N LEU A 360 -14.91 5.15 19.89
CA LEU A 360 -13.92 5.52 18.88
C LEU A 360 -14.47 6.57 17.92
N GLN A 361 -15.73 6.43 17.56
CA GLN A 361 -16.38 7.37 16.64
C GLN A 361 -16.63 8.74 17.27
N GLU A 362 -16.54 8.80 18.60
CA GLU A 362 -16.69 10.05 19.31
C GLU A 362 -15.34 10.69 19.61
N MET A 363 -14.30 10.27 18.89
CA MET A 363 -12.96 10.82 19.05
C MET A 363 -12.50 11.49 17.75
N PRO A 364 -13.08 12.65 17.42
CA PRO A 364 -12.77 13.28 16.13
C PRO A 364 -11.30 13.68 15.96
N LEU A 365 -10.68 14.26 17.00
CA LEU A 365 -9.28 14.68 16.89
C LEU A 365 -8.35 13.49 16.60
N LEU A 366 -8.59 12.37 17.26
CA LEU A 366 -7.82 11.15 17.01
C LEU A 366 -8.00 10.69 15.56
N ASN A 367 -9.24 10.67 15.12
CA ASN A 367 -9.53 10.27 13.74
C ASN A 367 -8.96 11.28 12.74
N GLN A 368 -8.98 12.56 13.09
CA GLN A 368 -8.38 13.60 12.24
C GLN A 368 -6.87 13.44 12.14
N THR A 369 -6.27 12.92 13.20
CA THR A 369 -4.84 12.68 13.23
C THR A 369 -4.46 11.56 12.25
N ILE A 370 -5.24 10.49 12.26
CA ILE A 370 -5.09 9.42 11.28
C ILE A 370 -5.30 9.97 9.87
N LYS A 371 -6.37 10.73 9.69
CA LYS A 371 -6.70 11.33 8.39
C LYS A 371 -5.57 12.21 7.85
N GLU A 372 -4.98 13.02 8.73
CA GLU A 372 -3.90 13.92 8.32
C GLU A 372 -2.60 13.18 8.03
N THR A 373 -2.36 12.09 8.76
CA THR A 373 -1.20 11.25 8.49
C THR A 373 -1.35 10.56 7.14
N LEU A 374 -2.56 10.09 6.85
CA LEU A 374 -2.86 9.50 5.55
C LEU A 374 -2.69 10.52 4.43
N ARG A 375 -2.93 11.80 4.71
CA ARG A 375 -2.72 12.82 3.70
C ARG A 375 -1.23 12.99 3.40
N MET A 376 -0.44 13.17 4.46
CA MET A 376 0.98 13.45 4.26
C MET A 376 1.77 12.21 3.86
N HIS A 377 1.24 11.03 4.16
CA HIS A 377 1.97 9.81 3.91
C HIS A 377 1.11 8.71 3.32
N HIS A 378 0.51 9.01 2.16
CA HIS A 378 -0.16 7.99 1.37
C HIS A 378 0.81 6.84 1.17
N PRO A 379 0.43 5.64 1.63
CA PRO A 379 1.30 4.46 1.60
C PRO A 379 1.74 4.05 0.19
N LEU A 380 0.89 4.32 -0.80
CA LEU A 380 1.20 3.91 -2.17
C LEU A 380 1.33 5.14 -3.05
N HIS A 381 2.56 5.55 -3.34
CA HIS A 381 2.78 6.82 -4.04
C HIS A 381 2.33 6.75 -5.50
N SER A 382 2.29 5.54 -6.04
CA SER A 382 1.87 5.32 -7.42
C SER A 382 1.00 4.07 -7.56
N LEU A 383 -0.08 4.20 -8.32
CA LEU A 383 -0.94 3.07 -8.62
C LEU A 383 -1.01 2.91 -10.14
N PHE A 384 -0.89 1.67 -10.61
CA PHE A 384 -0.75 1.40 -12.03
C PHE A 384 -1.95 0.68 -12.64
N ARG A 385 -2.15 0.90 -13.94
CA ARG A 385 -3.02 0.06 -14.76
C ARG A 385 -2.35 -0.14 -16.11
N LYS A 386 -2.45 -1.33 -16.69
CA LYS A 386 -1.95 -1.51 -18.04
C LYS A 386 -3.05 -1.11 -19.02
N VAL A 387 -2.68 -0.31 -20.01
CA VAL A 387 -3.62 0.15 -21.02
C VAL A 387 -3.92 -0.96 -22.02
N MET A 388 -5.19 -1.34 -22.14
CA MET A 388 -5.58 -2.48 -22.97
C MET A 388 -6.13 -2.04 -24.32
N LYS A 389 -6.73 -0.86 -24.36
CA LYS A 389 -7.24 -0.28 -25.59
C LYS A 389 -6.76 1.15 -25.71
N ASP A 390 -6.61 1.65 -26.94
CA ASP A 390 -6.24 3.04 -27.15
C ASP A 390 -7.20 3.96 -26.40
N MET A 391 -6.65 4.83 -25.57
CA MET A 391 -7.47 5.75 -24.78
C MET A 391 -7.26 7.19 -25.25
N HIS A 392 -8.36 7.85 -25.60
CA HIS A 392 -8.30 9.28 -25.88
C HIS A 392 -8.41 10.08 -24.60
N VAL A 393 -7.45 10.98 -24.37
CA VAL A 393 -7.48 11.85 -23.22
C VAL A 393 -8.37 13.07 -23.51
N PRO A 394 -9.50 13.17 -22.82
CA PRO A 394 -10.49 14.24 -23.02
C PRO A 394 -9.89 15.64 -23.00
N ASN A 395 -10.41 16.51 -23.86
CA ASN A 395 -9.95 17.89 -24.02
C ASN A 395 -8.49 17.99 -24.41
N THR A 396 -7.96 16.93 -25.00
CA THR A 396 -6.64 16.95 -25.62
C THR A 396 -6.71 16.21 -26.94
N SER A 397 -5.60 16.22 -27.68
CA SER A 397 -5.46 15.39 -28.87
C SER A 397 -4.66 14.14 -28.52
N TYR A 398 -4.36 13.99 -27.24
CA TYR A 398 -3.54 12.88 -26.76
C TYR A 398 -4.25 11.53 -26.86
N VAL A 399 -3.53 10.54 -27.37
CA VAL A 399 -4.01 9.17 -27.38
C VAL A 399 -3.01 8.28 -26.64
N ILE A 400 -3.51 7.50 -25.68
CA ILE A 400 -2.67 6.55 -24.96
C ILE A 400 -2.86 5.17 -25.57
N PRO A 401 -1.87 4.71 -26.35
CA PRO A 401 -2.02 3.44 -27.07
C PRO A 401 -2.00 2.23 -26.14
N ALA A 402 -2.65 1.16 -26.55
CA ALA A 402 -2.60 -0.09 -25.81
C ALA A 402 -1.15 -0.53 -25.66
N GLY A 403 -0.83 -1.13 -24.52
CA GLY A 403 0.54 -1.56 -24.26
C GLY A 403 1.25 -0.60 -23.32
N TYR A 404 0.75 0.64 -23.24
CA TYR A 404 1.25 1.59 -22.26
C TYR A 404 0.73 1.26 -20.87
N HIS A 405 1.25 1.95 -19.87
CA HIS A 405 0.71 1.89 -18.51
C HIS A 405 0.30 3.30 -18.07
N VAL A 406 -0.83 3.40 -17.39
CA VAL A 406 -1.19 4.68 -16.78
C VAL A 406 -0.83 4.63 -15.29
N LEU A 407 -0.37 5.77 -14.79
CA LEU A 407 0.06 5.90 -13.40
C LEU A 407 -0.71 7.05 -12.75
N VAL A 408 -1.42 6.74 -11.67
CA VAL A 408 -2.15 7.78 -10.93
C VAL A 408 -1.52 7.92 -9.55
N SER A 409 -1.46 9.16 -9.05
CA SER A 409 -0.75 9.45 -7.80
C SER A 409 -1.50 10.43 -6.92
N PRO A 410 -2.54 9.96 -6.23
CA PRO A 410 -3.28 10.84 -5.32
C PRO A 410 -2.38 11.36 -4.19
N GLY A 411 -1.39 10.56 -3.79
CA GLY A 411 -0.46 10.97 -2.75
C GLY A 411 0.35 12.21 -3.11
N TYR A 412 0.58 12.42 -4.40
CA TYR A 412 1.25 13.63 -4.86
C TYR A 412 0.35 14.84 -4.65
N THR A 413 -0.93 14.69 -5.00
CA THR A 413 -1.89 15.79 -4.88
C THR A 413 -2.14 16.14 -3.41
N HIS A 414 -2.10 15.13 -2.55
CA HIS A 414 -2.19 15.31 -1.11
C HIS A 414 -1.20 16.35 -0.60
N LEU A 415 -0.09 16.49 -1.30
CA LEU A 415 1.01 17.35 -0.85
C LEU A 415 1.11 18.64 -1.67
N ARG A 416 0.05 19.00 -2.36
CA ARG A 416 0.02 20.26 -3.12
C ARG A 416 -0.70 21.37 -2.35
N ASP A 417 -0.05 22.53 -2.23
CA ASP A 417 -0.63 23.67 -1.51
C ASP A 417 -1.95 24.12 -2.11
N GLU A 418 -2.12 23.94 -3.41
CA GLU A 418 -3.34 24.38 -4.10
C GLU A 418 -4.58 23.67 -3.59
N TYR A 419 -4.41 22.42 -3.15
CA TYR A 419 -5.55 21.66 -2.66
C TYR A 419 -5.52 21.49 -1.14
N PHE A 420 -4.34 21.66 -0.56
CA PHE A 420 -4.20 21.62 0.89
C PHE A 420 -3.23 22.71 1.32
N PRO A 421 -3.74 23.85 1.78
CA PRO A 421 -2.90 24.99 2.16
C PRO A 421 -1.81 24.58 3.16
N ASN A 422 -0.59 25.06 2.94
CA ASN A 422 0.55 24.66 3.77
C ASN A 422 0.64 23.15 3.85
N ALA A 423 0.72 22.51 2.68
CA ALA A 423 0.59 21.07 2.53
C ALA A 423 1.64 20.27 3.29
N HIS A 424 2.82 20.86 3.48
CA HIS A 424 3.89 20.12 4.14
C HIS A 424 3.88 20.36 5.65
N GLN A 425 2.84 21.04 6.13
CA GLN A 425 2.65 21.19 7.57
C GLN A 425 1.66 20.16 8.10
N PHE A 426 2.06 19.44 9.13
CA PHE A 426 1.19 18.48 9.81
C PHE A 426 0.19 19.25 10.66
N ASN A 427 -1.07 19.26 10.23
CA ASN A 427 -2.10 20.04 10.91
C ASN A 427 -3.42 19.27 10.93
N ILE A 428 -3.71 18.64 12.08
CA ILE A 428 -4.90 17.82 12.17
C ILE A 428 -6.17 18.67 12.14
N HIS A 429 -6.03 19.95 12.44
CA HIS A 429 -7.19 20.82 12.51
C HIS A 429 -7.67 21.30 11.14
N ARG A 430 -6.94 20.97 10.09
CA ARG A 430 -7.45 21.23 8.74
C ARG A 430 -8.66 20.34 8.47
N TRP A 431 -8.85 19.30 9.29
CA TRP A 431 -10.00 18.41 9.17
C TRP A 431 -11.10 18.65 10.22
N ASN A 432 -11.08 19.80 10.89
CA ASN A 432 -12.16 20.15 11.82
C ASN A 432 -13.51 20.07 11.12
N ASN A 433 -14.48 19.42 11.78
CA ASN A 433 -15.79 19.17 11.18
C ASN A 433 -15.69 18.36 9.90
N ASP A 434 -14.80 17.37 9.88
CA ASP A 434 -14.53 16.58 8.68
C ASP A 434 -13.59 15.44 9.04
N SER A 435 -13.98 14.66 10.06
CA SER A 435 -13.10 13.66 10.65
C SER A 435 -13.38 12.25 10.14
N ALA A 436 -14.31 12.13 9.20
CA ALA A 436 -14.65 10.83 8.63
C ALA A 436 -13.53 10.30 7.74
N SER A 437 -13.35 8.98 7.73
CA SER A 437 -12.29 8.35 6.95
C SER A 437 -12.37 8.76 5.48
N SER A 438 -13.60 8.85 4.97
CA SER A 438 -13.88 9.29 3.61
C SER A 438 -15.38 9.45 3.44
N TYR A 439 -15.80 10.16 2.39
CA TYR A 439 -17.22 10.26 2.07
C TYR A 439 -17.46 10.69 0.63
N SER A 440 -18.49 10.13 0.01
CA SER A 440 -18.87 10.49 -1.34
C SER A 440 -19.63 11.83 -1.36
N VAL A 441 -19.16 12.77 -2.18
CA VAL A 441 -19.78 14.09 -2.27
C VAL A 441 -20.96 14.10 -3.25
N GLY A 442 -21.51 12.93 -3.55
CA GLY A 442 -22.66 12.85 -4.42
C GLY A 442 -23.11 11.45 -4.79
N GLU A 443 -23.20 11.21 -6.10
CA GLU A 443 -23.76 9.97 -6.63
C GLU A 443 -22.90 8.75 -6.28
N GLU A 444 -23.55 7.61 -6.13
CA GLU A 444 -22.83 6.37 -5.85
C GLU A 444 -23.05 5.33 -6.95
N VAL A 445 -22.23 4.28 -6.91
CA VAL A 445 -22.31 3.18 -7.86
C VAL A 445 -21.75 1.93 -7.18
N ASP A 446 -22.19 0.75 -7.63
CA ASP A 446 -21.78 -0.51 -7.05
C ASP A 446 -21.13 -1.40 -8.11
N TYR A 447 -19.89 -1.80 -7.87
CA TYR A 447 -19.16 -2.64 -8.81
C TYR A 447 -19.24 -4.11 -8.42
N GLY A 448 -19.93 -4.40 -7.33
CA GLY A 448 -20.06 -5.76 -6.86
C GLY A 448 -19.70 -5.98 -5.40
N PHE A 449 -19.15 -4.95 -4.75
CA PHE A 449 -18.78 -5.08 -3.35
C PHE A 449 -19.36 -3.95 -2.50
N GLY A 450 -20.45 -3.35 -2.99
CA GLY A 450 -21.14 -2.31 -2.24
C GLY A 450 -21.13 -0.96 -2.92
N ALA A 451 -22.05 -0.10 -2.51
CA ALA A 451 -22.15 1.24 -3.07
C ALA A 451 -20.97 2.10 -2.63
N ILE A 452 -20.32 2.74 -3.60
CA ILE A 452 -19.20 3.64 -3.34
C ILE A 452 -19.32 4.87 -4.24
N SER A 453 -18.49 5.87 -3.99
CA SER A 453 -18.53 7.12 -4.76
C SER A 453 -18.33 6.89 -6.26
N LYS A 454 -19.25 7.44 -7.06
CA LYS A 454 -19.13 7.38 -8.51
C LYS A 454 -18.03 8.32 -9.00
N GLY A 455 -18.01 9.53 -8.43
CA GLY A 455 -16.97 10.48 -8.73
C GLY A 455 -15.71 10.17 -7.95
N VAL A 456 -14.56 10.33 -8.59
CA VAL A 456 -13.28 10.13 -7.95
C VAL A 456 -12.42 11.37 -8.19
N SER A 457 -13.02 12.54 -8.05
CA SER A 457 -12.33 13.80 -8.29
C SER A 457 -11.80 14.48 -7.03
N SER A 458 -12.00 13.86 -5.87
CA SER A 458 -11.48 14.42 -4.63
C SER A 458 -9.96 14.48 -4.69
N PRO A 459 -9.37 15.61 -4.27
CA PRO A 459 -7.90 15.71 -4.21
C PRO A 459 -7.33 14.81 -3.10
N TYR A 460 -8.19 14.42 -2.16
CA TYR A 460 -7.85 13.48 -1.09
C TYR A 460 -8.42 12.09 -1.39
N LEU A 461 -7.54 11.16 -1.77
CA LEU A 461 -7.93 9.78 -2.05
C LEU A 461 -6.96 8.76 -1.44
N PRO A 462 -6.92 8.68 -0.11
CA PRO A 462 -6.00 7.72 0.53
C PRO A 462 -6.37 6.28 0.21
N PHE A 463 -7.62 6.02 -0.16
CA PHE A 463 -8.07 4.67 -0.41
C PHE A 463 -8.46 4.42 -1.87
N GLY A 464 -7.94 5.26 -2.76
CA GLY A 464 -8.22 5.13 -4.18
C GLY A 464 -9.68 5.39 -4.52
N GLY A 465 -10.14 4.78 -5.61
CA GLY A 465 -11.52 4.92 -6.02
C GLY A 465 -11.85 4.02 -7.20
N GLY A 466 -13.12 3.95 -7.57
CA GLY A 466 -13.53 3.08 -8.66
C GLY A 466 -13.56 1.63 -8.25
N ARG A 467 -13.53 0.73 -9.24
CA ARG A 467 -13.72 -0.70 -8.96
C ARG A 467 -12.62 -1.30 -8.08
N HIS A 468 -11.44 -0.68 -8.07
CA HIS A 468 -10.32 -1.21 -7.29
C HIS A 468 -10.15 -0.54 -5.94
N ARG A 469 -11.15 0.23 -5.53
CA ARG A 469 -11.12 0.97 -4.26
C ARG A 469 -10.88 0.04 -3.06
N CYS A 470 -10.21 0.55 -2.04
CA CYS A 470 -9.93 -0.21 -0.83
C CYS A 470 -11.22 -0.59 -0.12
N ILE A 471 -11.22 -1.76 0.53
CA ILE A 471 -12.36 -2.14 1.35
C ILE A 471 -11.94 -2.28 2.80
N GLY A 472 -10.69 -1.95 3.09
CA GLY A 472 -10.17 -2.09 4.44
C GLY A 472 -10.13 -0.80 5.24
N GLU A 473 -10.67 0.28 4.70
CA GLU A 473 -10.49 1.60 5.32
C GLU A 473 -11.08 1.64 6.73
N HIS A 474 -12.22 1.00 6.93
CA HIS A 474 -12.84 1.05 8.24
C HIS A 474 -12.13 0.12 9.21
N PHE A 475 -11.57 -0.98 8.70
CA PHE A 475 -10.76 -1.82 9.58
C PHE A 475 -9.48 -1.10 9.98
N ALA A 476 -8.85 -0.43 9.01
CA ALA A 476 -7.64 0.33 9.28
C ALA A 476 -7.87 1.40 10.36
N TYR A 477 -8.97 2.13 10.27
CA TYR A 477 -9.26 3.18 11.23
C TYR A 477 -9.54 2.58 12.61
N CYS A 478 -10.26 1.47 12.63
CA CYS A 478 -10.51 0.75 13.88
C CYS A 478 -9.20 0.34 14.55
N GLN A 479 -8.34 -0.33 13.79
CA GLN A 479 -7.06 -0.81 14.29
C GLN A 479 -6.15 0.35 14.74
N LEU A 480 -5.94 1.32 13.86
CA LEU A 480 -5.15 2.51 14.18
C LEU A 480 -5.76 3.29 15.35
N GLY A 481 -7.08 3.40 15.38
CA GLY A 481 -7.77 4.12 16.45
C GLY A 481 -7.55 3.52 17.83
N VAL A 482 -7.82 2.23 17.96
CA VAL A 482 -7.58 1.51 19.21
C VAL A 482 -6.13 1.64 19.64
N LEU A 483 -5.22 1.31 18.73
CA LEU A 483 -3.80 1.40 18.99
C LEU A 483 -3.38 2.78 19.49
N MET A 484 -3.78 3.84 18.77
CA MET A 484 -3.36 5.19 19.13
C MET A 484 -4.06 5.70 20.38
N SER A 485 -5.30 5.28 20.59
CA SER A 485 -6.01 5.62 21.82
C SER A 485 -5.28 5.08 23.05
N ILE A 486 -4.74 3.88 22.94
CA ILE A 486 -4.02 3.27 24.05
C ILE A 486 -2.62 3.88 24.20
N PHE A 487 -1.94 4.13 23.09
CA PHE A 487 -0.65 4.82 23.12
C PHE A 487 -0.75 6.16 23.86
N ILE A 488 -1.72 6.97 23.44
CA ILE A 488 -1.95 8.30 24.01
C ILE A 488 -2.24 8.25 25.50
N ARG A 489 -3.11 7.35 25.92
CA ARG A 489 -3.48 7.27 27.33
C ARG A 489 -2.38 6.72 28.21
N THR A 490 -1.48 5.92 27.63
CA THR A 490 -0.46 5.22 28.40
C THR A 490 0.88 5.95 28.42
N LEU A 491 1.24 6.57 27.30
CA LEU A 491 2.60 7.07 27.11
C LEU A 491 2.66 8.50 26.62
N LYS A 492 3.77 9.16 26.96
CA LYS A 492 4.23 10.36 26.26
C LYS A 492 5.48 9.96 25.50
N TRP A 493 5.75 10.61 24.37
CA TRP A 493 7.00 10.31 23.66
C TRP A 493 7.54 11.53 22.91
N HIS A 494 8.83 11.48 22.64
CA HIS A 494 9.53 12.59 21.98
C HIS A 494 10.72 12.04 21.21
N TYR A 495 11.44 12.91 20.50
CA TYR A 495 12.60 12.50 19.73
C TYR A 495 13.89 12.54 20.56
N PRO A 496 14.87 11.70 20.19
CA PRO A 496 16.22 11.92 20.71
C PRO A 496 16.70 13.28 20.23
N GLU A 497 17.61 13.92 20.97
CA GLU A 497 18.02 15.29 20.66
C GLU A 497 18.54 15.42 19.23
N GLY A 498 18.09 16.47 18.54
CA GLY A 498 18.50 16.72 17.18
C GLY A 498 17.80 15.87 16.13
N LYS A 499 16.93 14.97 16.57
CA LYS A 499 16.18 14.12 15.64
C LYS A 499 14.82 14.72 15.31
N THR A 500 14.30 14.40 14.14
CA THR A 500 13.00 14.90 13.70
C THR A 500 12.36 13.89 12.76
N VAL A 501 11.23 14.25 12.16
CA VAL A 501 10.54 13.35 11.23
C VAL A 501 11.46 12.98 10.07
N PRO A 502 11.65 11.68 9.84
CA PRO A 502 12.50 11.24 8.73
C PRO A 502 11.81 11.32 7.37
N PRO A 503 12.58 11.43 6.29
CA PRO A 503 12.02 11.38 4.93
C PRO A 503 11.51 9.98 4.61
N PRO A 504 10.51 9.88 3.72
CA PRO A 504 9.96 8.58 3.36
C PRO A 504 10.96 7.71 2.59
N ASP A 505 10.80 6.40 2.67
CA ASP A 505 11.53 5.48 1.81
C ASP A 505 10.64 5.11 0.64
N PHE A 506 10.88 5.73 -0.52
CA PHE A 506 10.05 5.52 -1.69
C PHE A 506 10.44 4.28 -2.49
N THR A 507 11.44 3.54 -2.02
CA THR A 507 11.94 2.39 -2.77
C THR A 507 11.24 1.09 -2.41
N SER A 508 10.61 1.04 -1.23
CA SER A 508 9.89 -0.15 -0.82
C SER A 508 8.48 -0.14 -1.38
N MET A 509 7.71 -1.19 -1.09
CA MET A 509 6.34 -1.30 -1.59
C MET A 509 5.44 -0.19 -1.05
N VAL A 510 5.65 0.20 0.20
CA VAL A 510 4.92 1.32 0.77
C VAL A 510 5.88 2.44 1.18
N THR A 511 5.35 3.66 1.34
CA THR A 511 6.17 4.80 1.71
C THR A 511 6.42 4.83 3.22
N LEU A 512 7.09 3.81 3.72
CA LEU A 512 7.45 3.75 5.14
C LEU A 512 8.56 4.75 5.43
N PRO A 513 8.70 5.16 6.70
CA PRO A 513 9.80 6.08 7.04
C PRO A 513 11.18 5.45 6.88
N THR A 514 12.17 6.28 6.61
CA THR A 514 13.56 5.83 6.52
C THR A 514 14.07 5.54 7.93
N GLY A 515 14.36 4.27 8.19
CA GLY A 515 14.81 3.85 9.51
C GLY A 515 16.32 3.80 9.65
N PRO A 516 16.81 3.64 10.88
CA PRO A 516 16.02 3.56 12.11
C PRO A 516 15.40 4.90 12.54
N ALA A 517 14.12 4.86 12.85
CA ALA A 517 13.39 6.04 13.28
C ALA A 517 13.01 5.87 14.74
N LYS A 518 13.81 6.47 15.63
CA LYS A 518 13.68 6.20 17.05
C LYS A 518 12.90 7.27 17.79
N ILE A 519 12.09 6.83 18.75
CA ILE A 519 11.43 7.74 19.68
C ILE A 519 11.66 7.25 21.10
N ILE A 520 11.59 8.17 22.04
CA ILE A 520 11.75 7.88 23.46
C ILE A 520 10.39 7.98 24.13
N TRP A 521 9.94 6.89 24.75
CA TRP A 521 8.66 6.89 25.44
C TRP A 521 8.83 7.02 26.95
N GLU A 522 7.78 7.52 27.60
CA GLU A 522 7.71 7.59 29.05
C GLU A 522 6.28 7.27 29.48
N LYS A 523 6.15 6.45 30.52
CA LYS A 523 4.83 6.17 31.10
C LYS A 523 4.21 7.42 31.69
N ARG A 524 2.94 7.66 31.39
CA ARG A 524 2.21 8.76 32.01
C ARG A 524 1.96 8.45 33.48
N ASN A 525 1.80 7.16 33.76
CA ASN A 525 1.61 6.68 35.12
C ASN A 525 2.64 5.59 35.40
N PRO A 526 3.84 6.00 35.84
CA PRO A 526 5.00 5.13 36.09
C PRO A 526 4.67 3.85 36.87
N GLU A 527 3.68 3.94 37.75
CA GLU A 527 3.35 2.84 38.66
C GLU A 527 2.16 2.02 38.20
N GLN A 528 1.56 2.41 37.07
CA GLN A 528 0.51 1.61 36.46
C GLN A 528 1.04 0.24 36.06
N LYS A 529 0.28 -0.80 36.37
CA LYS A 529 0.67 -2.17 36.02
C LYS A 529 -0.34 -2.79 35.07
N ILE A 530 0.15 -3.63 34.17
CA ILE A 530 -0.72 -4.36 33.26
C ILE A 530 -0.88 -5.80 33.76
N GLY A 531 -2.12 -6.20 34.04
CA GLY A 531 -2.40 -7.51 34.60
C GLY A 531 -2.24 -8.63 33.59
N GLY A 532 -2.52 -9.86 34.04
CA GLY A 532 -2.41 -11.02 33.18
C GLY A 532 -1.20 -11.86 33.50
N ARG A 533 -1.24 -13.14 33.13
CA ARG A 533 -0.12 -14.04 33.37
C ARG A 533 0.88 -13.99 32.21
N HIS A 534 2.16 -14.17 32.53
CA HIS A 534 3.20 -14.21 31.50
C HIS A 534 4.44 -14.95 31.99
CHA HEM B . -7.09 -1.33 -2.39
CHB HEM B . -5.02 2.03 0.42
CHC HEM B . -5.61 -0.86 4.28
CHD HEM B . -7.54 -4.30 1.47
C1A HEM B . -6.48 -0.18 -1.97
C2A HEM B . -6.15 0.94 -2.81
C3A HEM B . -5.57 1.88 -2.04
C4A HEM B . -5.53 1.37 -0.68
CMA HEM B . -5.04 3.24 -2.51
CAA HEM B . -6.40 1.06 -4.33
CBA HEM B . -5.36 0.23 -5.09
CGA HEM B . -5.49 0.44 -6.58
O1A HEM B . -4.70 -0.19 -7.33
O2A HEM B . -6.36 1.25 -7.02
C1B HEM B . -5.04 1.56 1.72
C2B HEM B . -4.65 2.31 2.90
C3B HEM B . -4.82 1.52 3.97
C4B HEM B . -5.31 0.24 3.48
CMB HEM B . -4.15 3.78 2.84
CAB HEM B . -4.58 1.79 5.46
CBB HEM B . -4.25 2.98 5.97
C1C HEM B . -6.23 -2.01 3.87
C2C HEM B . -6.73 -3.05 4.74
C3C HEM B . -7.27 -4.02 3.96
C4C HEM B . -7.13 -3.59 2.58
CMC HEM B . -6.63 -3.01 6.28
CAC HEM B . -7.96 -5.35 4.34
CBC HEM B . -8.29 -5.70 5.59
C1D HEM B . -7.66 -3.82 0.18
C2D HEM B . -8.31 -4.52 -0.90
C3D HEM B . -8.16 -3.60 -2.13
C4D HEM B . -7.44 -2.43 -1.65
CMD HEM B . -8.99 -5.91 -0.84
CAD HEM B . -8.71 -3.87 -3.56
CBD HEM B . -7.62 -3.85 -4.62
CGD HEM B . -8.24 -4.06 -5.97
O1D HEM B . -9.50 -4.15 -6.06
O2D HEM B . -7.49 -4.12 -6.97
NA HEM B . -6.10 0.11 -0.66
NB HEM B . -5.43 0.31 2.12
NC HEM B . -6.49 -2.37 2.56
ND HEM B . -7.17 -2.61 -0.30
FE HEM B . -6.41 -1.12 0.95
O TPF C . -3.12 -2.50 -3.52
C1 TPF C . -2.28 -3.48 -2.88
C2 TPF C . -1.19 -3.88 -3.90
C5 TPF C . -1.70 -2.79 -1.63
C8 TPF C . -3.12 -4.68 -2.45
N1 TPF C . -0.24 -2.81 -4.16
C3 TPF C . -0.28 -1.86 -5.08
N3 TPF C . 0.90 -2.70 -3.43
N2 TPF C . 0.78 -1.10 -5.01
C4 TPF C . 1.48 -1.66 -3.99
N4 TPF C . -2.70 -2.56 -0.61
C6 TPF C . -3.76 -1.75 -0.64
N6 TPF C . -2.69 -3.23 0.56
N5 TPF C . -4.47 -1.87 0.46
C7 TPF C . -3.77 -2.78 1.16
C9 TPF C . -4.49 -4.71 -2.69
C13 TPF C . -2.59 -5.77 -1.78
C10 TPF C . -5.27 -5.78 -2.28
C11 TPF C . -4.67 -6.80 -1.61
F1 TPF C . -5.43 -7.86 -1.22
C12 TPF C . -3.33 -6.84 -1.34
F2 TPF C . -1.26 -5.78 -1.53
#